data_6J5D
#
_entry.id   6J5D
#
_cell.length_a   93.598
_cell.length_b   95.320
_cell.length_c   100.922
_cell.angle_alpha   90.00
_cell.angle_beta   90.00
_cell.angle_gamma   90.00
#
_symmetry.space_group_name_H-M   'I 2 2 2'
#
loop_
_entity.id
_entity.type
_entity.pdbx_description
1 polymer Envelope
2 polymer 'antibody heavy chain'
3 polymer 'antibody light chain'
4 water water
#
loop_
_entity_poly.entity_id
_entity_poly.type
_entity_poly.pdbx_seq_one_letter_code
_entity_poly.pdbx_strand_id
1 'polypeptide(L)'
;GLTYTMCDKSKFAWKRTPTDSGHDTVVMEVTFSGSKPCRIPVRAVAHGSPDVNVAMLITPNPTIENDGGGFIEMQLPPGD
NIIYVGELSHQWFQTGSSIGR
;
A
2 'polypeptide(L)'
;QVQLQQSGPELVKPGASVKMSCKASGYTFTDYVIGWVKQRTGQGLEWIGEIYPGSGTTYYNEKFKDKATLTADKSSNTAY
MQLSSLTSEDSAVYFCARGEDGYYIALDYWGQGTTVTVSS
;
H
3 'polypeptide(L)'
;DIELTQSPASLSASVGETVTITCRASGNIHNYLAWYQQKQGKSPQLLVYKAQTLADGVPSRFSGSGSGTQYSLKINSLQP
EDFGSYYCQHFWSTPPWTFGGGTKLEIKR
;
L
#
# COMPACT_ATOMS: atom_id res chain seq x y z
N TYR A 4 -17.22 1.61 -15.92
CA TYR A 4 -16.37 1.54 -14.75
C TYR A 4 -15.54 0.25 -14.74
N THR A 5 -14.38 0.32 -14.12
CA THR A 5 -13.59 -0.88 -13.87
C THR A 5 -13.91 -1.41 -12.48
N MET A 6 -13.47 -2.63 -12.18
CA MET A 6 -13.72 -3.26 -10.90
C MET A 6 -12.89 -2.66 -9.78
N CYS A 7 -13.50 -2.46 -8.67
CA CYS A 7 -12.81 -1.94 -7.48
C CYS A 7 -11.73 -2.91 -7.01
N ASP A 8 -10.55 -2.36 -6.70
CA ASP A 8 -9.45 -3.14 -6.13
C ASP A 8 -9.94 -3.93 -4.91
N LYS A 9 -9.86 -5.27 -5.02
CA LYS A 9 -10.44 -6.14 -4.00
C LYS A 9 -9.75 -6.05 -2.66
N SER A 10 -8.58 -5.42 -2.59
CA SER A 10 -7.81 -5.32 -1.36
C SER A 10 -8.00 -4.00 -0.63
N LYS A 11 -8.93 -3.14 -1.08
CA LYS A 11 -8.99 -1.78 -0.57
C LYS A 11 -10.34 -1.45 0.08
N PHE A 12 -11.01 -2.44 0.65
CA PHE A 12 -12.29 -2.24 1.32
C PHE A 12 -12.14 -2.35 2.82
N ALA A 13 -12.96 -1.58 3.54
CA ALA A 13 -13.10 -1.69 4.99
C ALA A 13 -14.57 -1.59 5.36
N TRP A 14 -14.93 -2.13 6.53
CA TRP A 14 -16.31 -2.02 6.99
C TRP A 14 -16.59 -0.63 7.57
N LYS A 15 -17.62 0.01 7.05
CA LYS A 15 -18.19 1.22 7.67
C LYS A 15 -19.39 0.89 8.54
N ARG A 16 -20.27 0.02 8.06
CA ARG A 16 -21.33 -0.59 8.84
C ARG A 16 -21.34 -2.06 8.51
N THR A 17 -21.10 -2.90 9.51
CA THR A 17 -21.00 -4.33 9.29
C THR A 17 -22.36 -4.90 8.90
N PRO A 18 -22.37 -6.06 8.23
CA PRO A 18 -23.66 -6.67 7.85
C PRO A 18 -24.61 -6.79 9.03
N THR A 19 -25.85 -6.35 8.83
CA THR A 19 -26.84 -6.35 9.89
C THR A 19 -28.23 -6.53 9.29
N ASP A 20 -29.16 -6.98 10.13
CA ASP A 20 -30.55 -7.11 9.70
C ASP A 20 -31.13 -5.74 9.41
N SER A 21 -31.91 -5.67 8.32
CA SER A 21 -32.44 -4.40 7.85
C SER A 21 -33.78 -4.04 8.47
N GLY A 22 -34.43 -4.97 9.14
CA GLY A 22 -35.79 -4.77 9.60
C GLY A 22 -36.87 -5.05 8.57
N HIS A 23 -36.49 -5.30 7.32
CA HIS A 23 -37.41 -5.76 6.29
C HIS A 23 -36.88 -6.99 5.59
N ASP A 24 -36.35 -7.93 6.37
CA ASP A 24 -35.96 -9.27 5.91
C ASP A 24 -34.80 -9.24 4.91
N THR A 25 -33.87 -8.30 5.06
CA THR A 25 -32.69 -8.25 4.20
C THR A 25 -31.47 -7.97 5.08
N VAL A 26 -30.30 -8.01 4.45
CA VAL A 26 -29.02 -7.74 5.10
C VAL A 26 -28.42 -6.51 4.46
N VAL A 27 -28.15 -5.49 5.28
CA VAL A 27 -27.60 -4.25 4.78
C VAL A 27 -26.21 -4.06 5.37
N MET A 28 -25.40 -3.29 4.66
CA MET A 28 -24.01 -3.07 5.08
C MET A 28 -23.48 -1.86 4.33
N GLU A 29 -22.34 -1.37 4.79
CA GLU A 29 -21.72 -0.21 4.16
C GLU A 29 -20.21 -0.37 4.26
N VAL A 30 -19.53 -0.08 3.16
CA VAL A 30 -18.08 -0.19 3.09
C VAL A 30 -17.48 1.15 2.68
N THR A 31 -16.23 1.37 3.08
CA THR A 31 -15.40 2.43 2.55
C THR A 31 -14.33 1.82 1.66
N PHE A 32 -13.91 2.57 0.66
CA PHE A 32 -13.01 2.06 -0.36
C PHE A 32 -11.84 3.01 -0.52
N SER A 33 -10.64 2.45 -0.68
CA SER A 33 -9.43 3.26 -0.69
C SER A 33 -8.59 3.00 -1.94
N GLY A 34 -9.24 2.78 -3.08
CA GLY A 34 -8.53 2.70 -4.35
C GLY A 34 -8.98 3.76 -5.33
N SER A 35 -8.75 3.54 -6.63
CA SER A 35 -9.18 4.50 -7.65
C SER A 35 -10.70 4.53 -7.71
N LYS A 36 -11.27 5.73 -7.70
CA LYS A 36 -12.71 5.96 -7.78
C LYS A 36 -13.04 6.72 -9.06
N PRO A 37 -14.22 6.47 -9.66
CA PRO A 37 -15.26 5.51 -9.27
C PRO A 37 -14.94 4.08 -9.76
N CYS A 38 -15.66 3.08 -9.22
CA CYS A 38 -15.43 1.70 -9.62
C CYS A 38 -16.64 0.87 -9.23
N ARG A 39 -16.78 -0.27 -9.87
CA ARG A 39 -17.85 -1.23 -9.58
C ARG A 39 -17.41 -2.24 -8.48
N ILE A 40 -18.27 -2.44 -7.51
CA ILE A 40 -17.92 -3.28 -6.35
C ILE A 40 -18.14 -4.76 -6.65
N PRO A 41 -17.12 -5.61 -6.50
CA PRO A 41 -17.35 -7.06 -6.52
C PRO A 41 -17.85 -7.53 -5.17
N VAL A 42 -19.13 -7.89 -5.10
CA VAL A 42 -19.72 -8.32 -3.85
C VAL A 42 -20.41 -9.67 -4.08
N ARG A 43 -20.16 -10.61 -3.17
CA ARG A 43 -20.73 -11.94 -3.28
C ARG A 43 -20.87 -12.52 -1.88
N ALA A 44 -21.48 -13.70 -1.80
CA ALA A 44 -21.54 -14.43 -0.56
C ALA A 44 -21.47 -15.91 -0.89
N VAL A 45 -20.95 -16.69 0.05
CA VAL A 45 -20.66 -18.09 -0.17
C VAL A 45 -21.26 -18.90 0.97
N ALA A 46 -21.98 -19.96 0.64
CA ALA A 46 -22.47 -20.87 1.66
C ALA A 46 -21.40 -21.92 1.96
N HIS A 47 -21.24 -22.23 3.25
CA HIS A 47 -20.43 -23.36 3.67
C HIS A 47 -20.76 -24.59 2.84
N GLY A 48 -19.74 -25.22 2.29
CA GLY A 48 -19.91 -26.39 1.47
C GLY A 48 -19.89 -26.14 -0.03
N SER A 49 -19.94 -24.89 -0.46
CA SER A 49 -19.98 -24.56 -1.89
C SER A 49 -19.20 -23.27 -2.13
N PRO A 50 -17.87 -23.35 -2.13
CA PRO A 50 -17.06 -22.12 -2.22
C PRO A 50 -17.10 -21.43 -3.57
N ASP A 51 -17.72 -22.04 -4.58
CA ASP A 51 -17.69 -21.53 -5.94
C ASP A 51 -18.91 -20.69 -6.31
N VAL A 52 -20.03 -20.83 -5.61
CA VAL A 52 -21.31 -20.27 -6.05
C VAL A 52 -21.65 -19.05 -5.21
N ASN A 53 -21.98 -17.96 -5.89
CA ASN A 53 -22.43 -16.73 -5.23
C ASN A 53 -23.88 -16.87 -4.82
N VAL A 54 -24.14 -16.95 -3.51
CA VAL A 54 -25.51 -17.10 -3.02
C VAL A 54 -26.14 -15.76 -2.65
N ALA A 55 -25.41 -14.65 -2.80
CA ALA A 55 -25.96 -13.35 -2.46
C ALA A 55 -26.95 -12.91 -3.52
N MET A 56 -28.18 -12.63 -3.12
CA MET A 56 -29.18 -12.07 -4.02
C MET A 56 -29.21 -10.57 -3.73
N LEU A 57 -28.64 -9.78 -4.64
CA LEU A 57 -28.50 -8.34 -4.43
C LEU A 57 -29.82 -7.64 -4.64
N ILE A 58 -30.16 -6.74 -3.71
CA ILE A 58 -31.26 -5.82 -3.92
C ILE A 58 -30.76 -4.51 -4.50
N THR A 59 -29.60 -4.05 -4.05
CA THR A 59 -28.92 -2.92 -4.68
C THR A 59 -28.33 -3.36 -6.01
N PRO A 60 -28.82 -2.86 -7.13
CA PRO A 60 -28.25 -3.27 -8.42
C PRO A 60 -26.95 -2.54 -8.69
N ASN A 61 -25.99 -3.25 -9.27
CA ASN A 61 -24.74 -2.68 -9.71
C ASN A 61 -24.11 -1.75 -8.65
N PRO A 62 -23.84 -2.25 -7.45
CA PRO A 62 -23.26 -1.37 -6.42
C PRO A 62 -21.92 -0.81 -6.87
N THR A 63 -21.73 0.49 -6.63
CA THR A 63 -20.53 1.18 -7.07
C THR A 63 -20.01 2.11 -5.99
N ILE A 64 -18.71 2.38 -6.05
CA ILE A 64 -18.11 3.47 -5.30
C ILE A 64 -18.01 4.65 -6.25
N GLU A 65 -18.66 5.76 -5.90
CA GLU A 65 -18.52 6.98 -6.67
C GLU A 65 -17.48 7.88 -6.00
N ASN A 66 -17.20 9.04 -6.61
CA ASN A 66 -16.28 9.97 -5.97
C ASN A 66 -16.89 10.54 -4.70
N ASP A 67 -18.20 10.83 -4.71
CA ASP A 67 -18.89 11.51 -3.62
C ASP A 67 -19.85 10.59 -2.87
N GLY A 68 -19.61 9.28 -2.89
CA GLY A 68 -20.47 8.39 -2.14
C GLY A 68 -20.48 7.00 -2.74
N GLY A 69 -21.49 6.24 -2.36
CA GLY A 69 -21.54 4.83 -2.68
C GLY A 69 -20.92 3.98 -1.59
N GLY A 70 -21.25 2.69 -1.63
CA GLY A 70 -20.77 1.75 -0.64
C GLY A 70 -21.86 1.09 0.17
N PHE A 71 -23.11 1.49 0.01
CA PHE A 71 -24.23 0.81 0.66
C PHE A 71 -24.60 -0.42 -0.16
N ILE A 72 -24.74 -1.56 0.51
CA ILE A 72 -25.07 -2.81 -0.16
C ILE A 72 -26.18 -3.50 0.61
N GLU A 73 -27.20 -3.98 -0.10
CA GLU A 73 -28.32 -4.70 0.48
C GLU A 73 -28.52 -6.00 -0.29
N MET A 74 -28.72 -7.10 0.45
CA MET A 74 -28.78 -8.42 -0.16
C MET A 74 -29.67 -9.33 0.66
N GLN A 75 -30.04 -10.47 0.07
CA GLN A 75 -30.69 -11.55 0.80
C GLN A 75 -29.84 -12.80 0.69
N LEU A 76 -29.85 -13.60 1.76
CA LEU A 76 -28.98 -14.76 1.83
C LEU A 76 -29.78 -16.01 2.20
N PRO A 77 -29.36 -17.17 1.72
CA PRO A 77 -30.08 -18.41 2.04
C PRO A 77 -29.83 -18.84 3.47
N PRO A 78 -30.74 -19.61 4.06
CA PRO A 78 -30.53 -20.08 5.43
C PRO A 78 -29.23 -20.87 5.55
N GLY A 79 -28.57 -20.74 6.69
CA GLY A 79 -27.37 -21.50 6.98
C GLY A 79 -26.17 -20.60 7.16
N ASP A 80 -24.99 -21.22 7.16
CA ASP A 80 -23.76 -20.51 7.46
C ASP A 80 -23.16 -19.96 6.18
N ASN A 81 -23.11 -18.63 6.06
CA ASN A 81 -22.59 -17.96 4.89
C ASN A 81 -21.43 -17.07 5.30
N ILE A 82 -20.64 -16.66 4.31
CA ILE A 82 -19.66 -15.59 4.45
C ILE A 82 -19.91 -14.58 3.36
N ILE A 83 -20.01 -13.31 3.74
CA ILE A 83 -20.15 -12.19 2.81
C ILE A 83 -18.77 -11.67 2.46
N TYR A 84 -18.56 -11.35 1.17
CA TYR A 84 -17.28 -10.83 0.66
C TYR A 84 -17.56 -9.58 -0.15
N VAL A 85 -16.99 -8.46 0.27
CA VAL A 85 -16.89 -7.26 -0.55
C VAL A 85 -15.43 -7.17 -0.98
N GLY A 86 -15.15 -7.51 -2.24
CA GLY A 86 -13.77 -7.76 -2.59
C GLY A 86 -13.29 -8.91 -1.72
N GLU A 87 -12.10 -8.74 -1.14
CA GLU A 87 -11.62 -9.72 -0.16
C GLU A 87 -12.04 -9.41 1.28
N LEU A 88 -12.66 -8.26 1.54
CA LEU A 88 -13.17 -7.98 2.88
C LEU A 88 -14.32 -8.94 3.19
N SER A 89 -14.27 -9.59 4.34
CA SER A 89 -15.24 -10.65 4.62
C SER A 89 -15.92 -10.44 5.97
N HIS A 90 -17.12 -11.00 6.09
CA HIS A 90 -17.76 -11.12 7.39
C HIS A 90 -18.69 -12.33 7.38
N GLN A 91 -18.65 -13.11 8.46
CA GLN A 91 -19.59 -14.21 8.61
C GLN A 91 -21.02 -13.69 8.63
N TRP A 92 -21.94 -14.48 8.08
CA TRP A 92 -23.37 -14.22 8.24
C TRP A 92 -24.08 -15.56 8.36
N PHE A 93 -24.45 -15.93 9.58
CA PHE A 93 -25.33 -17.07 9.75
C PHE A 93 -26.77 -16.60 9.59
N GLN A 94 -27.50 -17.23 8.68
CA GLN A 94 -28.89 -16.86 8.37
C GLN A 94 -29.83 -17.85 9.03
N THR A 95 -30.62 -17.37 9.99
CA THR A 95 -31.62 -18.20 10.64
C THR A 95 -32.82 -18.41 9.72
N GLY A 96 -33.67 -19.35 10.10
CA GLY A 96 -34.94 -19.54 9.41
C GLY A 96 -34.86 -20.59 8.33
N SER A 97 -35.85 -20.53 7.45
CA SER A 97 -35.90 -21.37 6.24
C SER A 97 -36.81 -20.73 5.20
N GLN B 1 12.72 -0.13 -20.09
CA GLN B 1 12.35 -0.46 -18.72
C GLN B 1 11.70 0.72 -18.00
N VAL B 2 11.03 0.40 -16.88
CA VAL B 2 10.33 1.41 -16.10
C VAL B 2 11.34 2.37 -15.50
N GLN B 3 11.09 3.67 -15.66
CA GLN B 3 11.92 4.67 -14.99
C GLN B 3 11.03 5.77 -14.42
N LEU B 4 11.34 6.17 -13.19
CA LEU B 4 10.74 7.29 -12.51
C LEU B 4 11.90 8.28 -12.30
N GLN B 5 11.93 9.38 -13.03
CA GLN B 5 12.98 10.38 -12.90
C GLN B 5 12.55 11.58 -12.10
N GLN B 6 13.19 11.81 -10.98
CA GLN B 6 12.82 12.88 -10.11
C GLN B 6 13.66 14.15 -10.32
N SER B 7 13.13 15.26 -9.89
CA SER B 7 13.77 16.56 -10.09
C SER B 7 14.87 16.79 -9.06
N GLY B 8 15.59 17.91 -9.24
CA GLY B 8 16.84 18.14 -8.52
C GLY B 8 16.64 18.66 -7.11
N PRO B 9 17.75 18.76 -6.39
CA PRO B 9 17.69 19.13 -4.97
C PRO B 9 17.19 20.54 -4.73
N GLU B 10 16.56 20.76 -3.60
CA GLU B 10 16.07 22.05 -3.18
C GLU B 10 16.65 22.52 -1.82
N LEU B 11 17.45 23.58 -1.84
CA LEU B 11 18.05 24.18 -0.66
C LEU B 11 17.32 25.49 -0.47
N VAL B 12 16.43 25.55 0.49
CA VAL B 12 15.55 26.66 0.71
C VAL B 12 15.47 27.14 2.16
N LYS B 13 14.99 28.37 2.36
CA LYS B 13 14.82 29.00 3.66
C LYS B 13 13.55 28.47 4.32
N PRO B 14 13.50 28.52 5.64
CA PRO B 14 12.24 28.20 6.33
C PRO B 14 11.11 29.07 5.83
N GLY B 15 9.92 28.47 5.70
CA GLY B 15 8.76 29.17 5.20
C GLY B 15 8.56 29.11 3.71
N ALA B 16 9.56 28.66 2.96
CA ALA B 16 9.43 28.53 1.52
C ALA B 16 8.50 27.36 1.16
N SER B 17 8.14 27.30 -0.11
N SER B 17 8.18 27.27 -0.12
CA SER B 17 7.41 26.17 -0.67
CA SER B 17 7.39 26.17 -0.67
C SER B 17 8.22 25.60 -1.83
C SER B 17 8.10 25.62 -1.89
N VAL B 18 8.10 24.30 -2.04
CA VAL B 18 8.78 23.67 -3.16
C VAL B 18 7.80 22.79 -3.92
N LYS B 19 8.10 22.60 -5.21
CA LYS B 19 7.35 21.71 -6.07
C LYS B 19 8.36 20.81 -6.77
N MET B 20 8.23 19.51 -6.56
CA MET B 20 9.11 18.54 -7.17
C MET B 20 8.31 17.66 -8.12
N SER B 21 8.98 17.11 -9.09
CA SER B 21 8.39 16.30 -10.12
C SER B 21 8.93 14.87 -10.18
N CYS B 22 8.15 14.04 -10.85
CA CYS B 22 8.43 12.64 -11.01
C CYS B 22 7.94 12.24 -12.39
N LYS B 23 8.86 12.15 -13.34
CA LYS B 23 8.56 11.84 -14.70
C LYS B 23 8.66 10.37 -14.99
N ALA B 24 7.59 9.82 -15.47
CA ALA B 24 7.53 8.42 -15.72
C ALA B 24 7.78 8.07 -17.16
N SER B 25 8.46 6.97 -17.37
CA SER B 25 8.67 6.49 -18.74
C SER B 25 8.82 4.98 -18.72
N GLY B 26 8.59 4.37 -19.88
CA GLY B 26 8.71 2.93 -20.02
C GLY B 26 7.47 2.14 -19.70
N TYR B 27 6.36 2.79 -19.33
CA TYR B 27 5.09 2.09 -19.16
C TYR B 27 3.95 3.06 -19.45
N THR B 28 2.73 2.56 -19.29
CA THR B 28 1.53 3.38 -19.46
C THR B 28 1.23 4.11 -18.16
N PHE B 29 1.45 5.39 -18.13
CA PHE B 29 1.29 6.17 -16.92
C PHE B 29 -0.01 6.00 -16.16
N THR B 30 -1.12 5.93 -16.86
CA THR B 30 -2.42 5.93 -16.19
C THR B 30 -2.81 4.56 -15.65
N ASP B 31 -2.02 3.53 -15.87
CA ASP B 31 -2.31 2.22 -15.31
C ASP B 31 -1.69 2.01 -13.94
N TYR B 32 -1.02 3.02 -13.38
CA TYR B 32 -0.25 2.81 -12.15
C TYR B 32 -0.39 4.02 -11.24
N VAL B 33 -0.61 3.74 -9.95
CA VAL B 33 -0.59 4.78 -8.91
C VAL B 33 0.85 5.26 -8.69
N ILE B 34 0.99 6.51 -8.31
CA ILE B 34 2.26 7.08 -7.93
C ILE B 34 2.18 7.45 -6.44
N GLY B 35 3.00 6.84 -5.63
CA GLY B 35 3.06 7.13 -4.21
C GLY B 35 4.31 7.91 -3.85
N TRP B 36 4.26 8.65 -2.75
CA TRP B 36 5.38 9.45 -2.29
C TRP B 36 5.77 9.08 -0.85
N VAL B 37 7.07 9.03 -0.61
CA VAL B 37 7.64 8.49 0.62
C VAL B 37 8.73 9.44 1.11
N LYS B 38 8.73 9.70 2.42
CA LYS B 38 9.71 10.61 3.03
C LYS B 38 10.73 9.80 3.82
N GLN B 39 12.00 10.24 3.79
CA GLN B 39 13.04 9.59 4.59
C GLN B 39 14.02 10.64 5.09
N ARG B 40 13.99 10.91 6.39
CA ARG B 40 15.01 11.75 6.99
C ARG B 40 16.33 10.98 7.06
N THR B 41 17.43 11.74 7.08
CA THR B 41 18.76 11.15 7.11
C THR B 41 18.91 10.18 8.28
N GLY B 42 19.33 8.96 7.97
CA GLY B 42 19.52 7.94 8.97
C GLY B 42 18.26 7.33 9.54
N GLN B 43 17.08 7.73 9.08
CA GLN B 43 15.81 7.27 9.65
C GLN B 43 15.07 6.38 8.66
N GLY B 44 13.84 5.99 9.03
CA GLY B 44 13.06 5.06 8.25
C GLY B 44 12.19 5.73 7.19
N LEU B 45 11.44 4.90 6.49
CA LEU B 45 10.54 5.34 5.42
C LEU B 45 9.18 5.68 5.98
N GLU B 46 8.54 6.71 5.41
CA GLU B 46 7.26 7.15 5.82
C GLU B 46 6.36 7.43 4.60
N TRP B 47 5.14 6.88 4.60
CA TRP B 47 4.24 7.09 3.46
C TRP B 47 3.56 8.44 3.57
N ILE B 48 3.69 9.26 2.52
CA ILE B 48 3.08 10.58 2.49
C ILE B 48 1.67 10.53 1.92
N GLY B 49 1.51 9.88 0.78
CA GLY B 49 0.26 9.87 0.06
C GLY B 49 0.49 9.33 -1.34
N GLU B 50 -0.58 9.35 -2.13
CA GLU B 50 -0.51 8.83 -3.49
C GLU B 50 -1.59 9.44 -4.35
N ILE B 51 -1.36 9.39 -5.66
CA ILE B 51 -2.33 9.81 -6.67
C ILE B 51 -2.47 8.72 -7.72
N TYR B 52 -3.71 8.49 -8.13
CA TYR B 52 -4.04 7.67 -9.28
C TYR B 52 -4.15 8.59 -10.49
N PRO B 53 -3.13 8.63 -11.35
CA PRO B 53 -3.18 9.56 -12.50
C PRO B 53 -4.36 9.30 -13.43
N GLY B 54 -4.80 8.05 -13.56
CA GLY B 54 -5.91 7.75 -14.46
C GLY B 54 -7.21 8.43 -14.05
N SER B 55 -7.48 8.48 -12.75
CA SER B 55 -8.73 9.02 -12.23
C SER B 55 -8.58 10.30 -11.44
N GLY B 56 -7.38 10.66 -11.01
CA GLY B 56 -7.21 11.80 -10.13
C GLY B 56 -7.43 11.52 -8.66
N THR B 57 -7.80 10.29 -8.30
CA THR B 57 -8.02 9.96 -6.90
C THR B 57 -6.73 10.10 -6.10
N THR B 58 -6.82 10.76 -4.95
CA THR B 58 -5.68 10.94 -4.06
C THR B 58 -5.98 10.38 -2.68
N TYR B 59 -4.92 9.93 -1.99
CA TYR B 59 -4.99 9.60 -0.58
C TYR B 59 -3.81 10.21 0.13
N TYR B 60 -4.04 10.78 1.31
CA TYR B 60 -3.00 11.44 2.08
C TYR B 60 -2.90 10.83 3.46
N ASN B 61 -1.66 10.64 3.91
CA ASN B 61 -1.40 10.39 5.31
C ASN B 61 -1.88 11.59 6.12
N GLU B 62 -2.62 11.31 7.20
CA GLU B 62 -3.15 12.37 8.05
C GLU B 62 -2.05 13.35 8.48
N LYS B 63 -0.84 12.86 8.71
CA LYS B 63 0.25 13.71 9.18
C LYS B 63 0.74 14.68 8.10
N PHE B 64 0.36 14.47 6.84
CA PHE B 64 0.86 15.29 5.75
C PHE B 64 -0.23 16.03 5.00
N LYS B 65 -1.50 15.94 5.42
CA LYS B 65 -2.56 16.52 4.61
C LYS B 65 -2.51 18.04 4.58
N ASP B 66 -1.87 18.69 5.55
CA ASP B 66 -1.68 20.13 5.51
C ASP B 66 -0.31 20.53 4.97
N LYS B 67 0.52 19.57 4.58
CA LYS B 67 1.88 19.81 4.13
C LYS B 67 2.10 19.52 2.65
N ALA B 68 1.51 18.44 2.13
CA ALA B 68 1.75 17.97 0.78
C ALA B 68 0.52 18.12 -0.09
N THR B 69 0.75 18.43 -1.37
CA THR B 69 -0.29 18.45 -2.40
C THR B 69 0.19 17.65 -3.60
N LEU B 70 -0.58 16.64 -3.98
CA LEU B 70 -0.19 15.73 -5.06
C LEU B 70 -1.05 16.01 -6.29
N THR B 71 -0.38 16.16 -7.43
CA THR B 71 -1.07 16.35 -8.71
C THR B 71 -0.40 15.49 -9.77
N ALA B 72 -1.05 15.39 -10.93
CA ALA B 72 -0.49 14.64 -12.04
C ALA B 72 -0.92 15.29 -13.36
N ASP B 73 -0.06 15.14 -14.36
CA ASP B 73 -0.28 15.63 -15.72
C ASP B 73 -0.12 14.44 -16.67
N LYS B 74 -1.26 13.92 -17.13
CA LYS B 74 -1.28 12.79 -18.05
C LYS B 74 -0.52 13.09 -19.32
N SER B 75 -0.61 14.32 -19.83
CA SER B 75 -0.04 14.63 -21.13
C SER B 75 1.48 14.56 -21.13
N SER B 76 2.10 14.86 -19.99
CA SER B 76 3.55 14.79 -19.84
C SER B 76 4.02 13.59 -19.04
N ASN B 77 3.15 12.67 -18.65
CA ASN B 77 3.51 11.53 -17.81
C ASN B 77 4.32 11.93 -16.56
N THR B 78 3.86 12.97 -15.92
CA THR B 78 4.51 13.54 -14.78
C THR B 78 3.62 13.74 -13.59
N ALA B 79 4.13 13.36 -12.42
CA ALA B 79 3.49 13.53 -11.16
C ALA B 79 4.23 14.59 -10.38
N TYR B 80 3.52 15.35 -9.57
CA TYR B 80 4.10 16.45 -8.83
C TYR B 80 3.72 16.36 -7.36
N MET B 81 4.67 16.71 -6.50
CA MET B 81 4.37 16.95 -5.10
C MET B 81 4.83 18.34 -4.71
N GLN B 82 3.93 19.09 -4.08
CA GLN B 82 4.25 20.42 -3.55
C GLN B 82 4.22 20.37 -2.04
N LEU B 83 5.26 20.93 -1.41
CA LEU B 83 5.38 21.00 0.04
C LEU B 83 5.36 22.46 0.46
N SER B 84 4.47 22.79 1.40
CA SER B 84 4.24 24.16 1.81
C SER B 84 4.89 24.46 3.17
N SER B 85 5.15 25.75 3.40
CA SER B 85 5.50 26.26 4.73
C SER B 85 6.61 25.43 5.39
N LEU B 86 7.75 25.36 4.70
CA LEU B 86 8.77 24.38 5.07
C LEU B 86 9.45 24.74 6.39
N THR B 87 9.74 23.70 7.19
CA THR B 87 10.52 23.82 8.42
C THR B 87 11.67 22.81 8.36
N SER B 88 12.53 22.86 9.37
CA SER B 88 13.64 21.91 9.39
C SER B 88 13.14 20.47 9.51
N GLU B 89 11.95 20.27 10.07
CA GLU B 89 11.35 18.93 10.12
C GLU B 89 11.09 18.36 8.74
N ASP B 90 11.03 19.21 7.72
CA ASP B 90 10.77 18.79 6.34
C ASP B 90 12.05 18.43 5.57
N SER B 91 13.23 18.72 6.11
CA SER B 91 14.46 18.33 5.45
C SER B 91 14.54 16.81 5.38
N ALA B 92 14.65 16.28 4.16
CA ALA B 92 14.53 14.83 3.97
C ALA B 92 14.74 14.52 2.49
N VAL B 93 14.89 13.24 2.20
CA VAL B 93 14.80 12.74 0.84
C VAL B 93 13.36 12.33 0.59
N TYR B 94 12.82 12.70 -0.56
CA TYR B 94 11.46 12.33 -0.93
C TYR B 94 11.52 11.48 -2.19
N PHE B 95 10.96 10.27 -2.11
CA PHE B 95 10.90 9.34 -3.23
C PHE B 95 9.49 9.36 -3.82
N CYS B 96 9.41 9.14 -5.13
CA CYS B 96 8.15 8.79 -5.77
C CYS B 96 8.34 7.28 -6.14
N ALA B 97 7.25 6.54 -6.23
CA ALA B 97 7.31 5.13 -6.55
C ALA B 97 5.99 4.72 -7.20
N ARG B 98 6.02 3.57 -7.87
CA ARG B 98 4.92 3.09 -8.69
C ARG B 98 4.23 1.88 -8.05
N GLY B 99 2.90 1.86 -8.12
CA GLY B 99 2.13 0.68 -7.75
C GLY B 99 1.06 0.40 -8.78
N GLU B 100 0.53 -0.83 -8.77
CA GLU B 100 -0.43 -1.22 -9.80
C GLU B 100 -1.83 -0.69 -9.47
N ASP B 101 -2.40 0.12 -10.37
CA ASP B 101 -3.75 0.64 -10.19
C ASP B 101 -4.75 -0.49 -10.40
N GLY B 102 -5.43 -0.90 -9.34
CA GLY B 102 -6.43 -1.96 -9.40
C GLY B 102 -6.07 -3.19 -8.56
N TYR B 103 -4.81 -3.34 -8.20
CA TYR B 103 -4.36 -4.40 -7.28
C TYR B 103 -3.03 -3.85 -6.70
N TYR B 104 -3.15 -2.82 -5.90
CA TYR B 104 -2.06 -2.05 -5.33
C TYR B 104 -1.52 -2.76 -4.08
N ILE B 105 -0.40 -3.46 -4.26
CA ILE B 105 0.14 -4.37 -3.27
C ILE B 105 1.61 -4.14 -2.97
N ALA B 106 2.23 -3.13 -3.57
CA ALA B 106 3.66 -2.89 -3.44
C ALA B 106 4.01 -1.64 -4.23
N LEU B 107 5.11 -1.01 -3.83
CA LEU B 107 5.74 0.05 -4.63
C LEU B 107 6.88 -0.63 -5.38
N ASP B 108 6.65 -0.96 -6.66
CA ASP B 108 7.53 -1.94 -7.29
C ASP B 108 8.72 -1.32 -8.01
N TYR B 109 8.68 -0.02 -8.30
CA TYR B 109 9.83 0.71 -8.81
C TYR B 109 9.84 2.06 -8.13
N TRP B 110 11.05 2.57 -7.84
CA TRP B 110 11.25 3.78 -7.04
C TRP B 110 12.11 4.77 -7.80
N GLY B 111 11.78 6.05 -7.70
CA GLY B 111 12.66 7.09 -8.20
C GLY B 111 13.92 7.23 -7.37
N GLN B 112 14.84 8.08 -7.85
CA GLN B 112 16.14 8.22 -7.20
C GLN B 112 16.12 9.13 -5.98
N GLY B 113 15.01 9.82 -5.72
CA GLY B 113 14.89 10.69 -4.58
C GLY B 113 15.22 12.15 -4.89
N THR B 114 14.46 13.06 -4.29
CA THR B 114 14.73 14.51 -4.32
C THR B 114 15.04 14.94 -2.90
N THR B 115 16.22 15.52 -2.68
CA THR B 115 16.60 15.98 -1.36
C THR B 115 16.13 17.42 -1.17
N VAL B 116 15.38 17.66 -0.10
CA VAL B 116 14.98 19.00 0.32
C VAL B 116 15.73 19.31 1.59
N THR B 117 16.51 20.40 1.57
CA THR B 117 17.27 20.87 2.72
C THR B 117 16.77 22.25 3.10
N VAL B 118 16.15 22.36 4.27
CA VAL B 118 15.67 23.62 4.81
C VAL B 118 16.76 24.19 5.69
N SER B 119 17.25 25.38 5.33
CA SER B 119 18.46 25.90 5.95
C SER B 119 18.37 27.42 6.09
N SER B 120 19.05 27.93 7.10
CA SER B 120 19.37 29.35 7.15
C SER B 120 20.39 29.66 6.06
N ASP C 1 -5.17 2.44 12.74
CA ASP C 1 -4.01 2.26 11.85
C ASP C 1 -3.22 0.99 12.18
N ILE C 2 -2.53 0.46 11.18
CA ILE C 2 -1.68 -0.71 11.37
C ILE C 2 -0.29 -0.22 11.76
N GLU C 3 0.27 -0.83 12.80
CA GLU C 3 1.66 -0.64 13.18
C GLU C 3 2.44 -1.88 12.78
N LEU C 4 3.59 -1.68 12.14
CA LEU C 4 4.47 -2.79 11.77
C LEU C 4 5.74 -2.68 12.60
N THR C 5 6.07 -3.77 13.30
CA THR C 5 7.23 -3.80 14.18
C THR C 5 8.23 -4.82 13.63
N GLN C 6 9.42 -4.36 13.28
CA GLN C 6 10.42 -5.19 12.68
C GLN C 6 11.44 -5.64 13.70
N SER C 7 11.97 -6.82 13.50
CA SER C 7 12.89 -7.39 14.48
C SER C 7 13.89 -8.28 13.76
N PRO C 8 15.17 -8.30 14.16
CA PRO C 8 15.82 -7.42 15.14
C PRO C 8 15.99 -6.03 14.58
N ALA C 9 16.40 -5.06 15.41
CA ALA C 9 16.69 -3.74 14.90
C ALA C 9 17.90 -3.74 13.99
N SER C 10 18.88 -4.59 14.30
CA SER C 10 20.12 -4.68 13.55
C SER C 10 20.74 -6.05 13.80
N LEU C 11 21.55 -6.49 12.85
CA LEU C 11 22.29 -7.73 12.99
C LEU C 11 23.49 -7.68 12.06
N SER C 12 24.54 -8.41 12.44
CA SER C 12 25.75 -8.49 11.63
C SER C 12 26.02 -9.96 11.35
N ALA C 13 26.30 -10.27 10.09
CA ALA C 13 26.44 -11.65 9.65
C ALA C 13 27.52 -11.70 8.57
N SER C 14 27.93 -12.92 8.24
CA SER C 14 29.02 -13.14 7.30
C SER C 14 28.51 -13.70 5.99
N VAL C 15 29.21 -13.35 4.90
CA VAL C 15 28.91 -13.90 3.59
C VAL C 15 28.80 -15.42 3.66
N GLY C 16 27.77 -15.95 3.01
CA GLY C 16 27.55 -17.38 2.95
C GLY C 16 26.62 -17.95 4.00
N GLU C 17 26.26 -17.17 5.01
CA GLU C 17 25.44 -17.66 6.10
C GLU C 17 23.98 -17.23 5.92
N THR C 18 23.12 -17.72 6.81
CA THR C 18 21.68 -17.50 6.72
C THR C 18 21.23 -16.56 7.83
N VAL C 19 20.29 -15.67 7.51
CA VAL C 19 19.65 -14.84 8.54
C VAL C 19 18.16 -14.81 8.30
N THR C 20 17.41 -14.59 9.39
CA THR C 20 15.96 -14.42 9.33
C THR C 20 15.62 -13.13 10.05
N ILE C 21 14.79 -12.30 9.42
CA ILE C 21 14.28 -11.08 10.02
C ILE C 21 12.77 -11.11 9.91
N THR C 22 12.08 -10.38 10.78
CA THR C 22 10.64 -10.52 10.89
C THR C 22 9.95 -9.16 10.93
N CYS C 23 8.65 -9.21 10.63
CA CYS C 23 7.77 -8.05 10.58
C CYS C 23 6.42 -8.47 11.17
N ARG C 24 6.04 -7.83 12.28
CA ARG C 24 4.84 -8.15 13.04
C ARG C 24 3.83 -7.03 12.85
N ALA C 25 2.60 -7.38 12.46
CA ALA C 25 1.56 -6.38 12.28
C ALA C 25 0.63 -6.32 13.49
N SER C 26 0.13 -5.12 13.80
CA SER C 26 -0.80 -4.95 14.91
C SER C 26 -2.20 -5.45 14.61
N GLY C 27 -2.52 -5.74 13.35
CA GLY C 27 -3.78 -6.34 12.98
C GLY C 27 -3.56 -7.23 11.78
N ASN C 28 -4.54 -8.07 11.48
CA ASN C 28 -4.47 -8.96 10.33
C ASN C 28 -4.36 -8.15 9.04
N ILE C 29 -3.32 -8.40 8.25
CA ILE C 29 -3.11 -7.70 6.98
C ILE C 29 -3.24 -8.65 5.79
N HIS C 30 -3.65 -9.90 6.02
CA HIS C 30 -4.11 -10.80 4.96
C HIS C 30 -3.06 -11.01 3.88
N ASN C 31 -1.79 -11.12 4.28
CA ASN C 31 -0.65 -11.38 3.40
C ASN C 31 -0.29 -10.20 2.51
N TYR C 32 -0.90 -9.03 2.72
CA TYR C 32 -0.56 -7.85 1.93
C TYR C 32 0.66 -7.15 2.54
N LEU C 33 1.80 -7.84 2.43
CA LEU C 33 3.04 -7.40 3.05
C LEU C 33 4.14 -7.43 2.02
N ALA C 34 4.82 -6.31 1.84
CA ALA C 34 5.93 -6.18 0.91
C ALA C 34 7.22 -5.94 1.69
N TRP C 35 8.33 -6.43 1.11
CA TRP C 35 9.68 -6.28 1.64
C TRP C 35 10.53 -5.55 0.62
N TYR C 36 11.30 -4.58 1.11
CA TYR C 36 12.24 -3.76 0.35
C TYR C 36 13.65 -3.83 0.96
N GLN C 37 14.65 -3.72 0.12
CA GLN C 37 16.04 -3.56 0.53
C GLN C 37 16.51 -2.18 0.09
N GLN C 38 17.26 -1.51 0.95
CA GLN C 38 17.78 -0.18 0.64
C GLN C 38 19.25 -0.11 1.02
N LYS C 39 20.11 0.14 0.04
CA LYS C 39 21.52 0.36 0.34
C LYS C 39 21.75 1.84 0.67
N GLN C 40 22.83 2.09 1.39
CA GLN C 40 23.08 3.44 1.89
C GLN C 40 23.19 4.44 0.74
N GLY C 41 22.36 5.48 0.80
CA GLY C 41 22.32 6.52 -0.21
C GLY C 41 21.60 6.14 -1.49
N LYS C 42 20.96 4.98 -1.55
CA LYS C 42 20.25 4.53 -2.73
C LYS C 42 18.74 4.48 -2.47
N SER C 43 17.99 4.15 -3.52
CA SER C 43 16.54 4.00 -3.44
C SER C 43 16.18 2.58 -3.00
N PRO C 44 15.08 2.43 -2.26
CA PRO C 44 14.59 1.10 -1.93
C PRO C 44 14.31 0.28 -3.18
N GLN C 45 14.50 -1.03 -3.06
CA GLN C 45 14.25 -1.99 -4.12
C GLN C 45 13.26 -3.03 -3.60
N LEU C 46 12.18 -3.24 -4.34
CA LEU C 46 11.21 -4.25 -3.96
C LEU C 46 11.85 -5.64 -4.05
N LEU C 47 11.73 -6.41 -2.97
CA LEU C 47 12.20 -7.79 -2.93
C LEU C 47 11.05 -8.79 -2.96
N VAL C 48 10.04 -8.58 -2.13
CA VAL C 48 8.97 -9.56 -1.95
C VAL C 48 7.65 -8.82 -1.88
N TYR C 49 6.60 -9.38 -2.49
CA TYR C 49 5.26 -8.83 -2.32
C TYR C 49 4.27 -9.96 -2.07
N LYS C 50 3.13 -9.61 -1.51
CA LYS C 50 2.12 -10.58 -1.08
C LYS C 50 2.78 -11.63 -0.15
N ALA C 51 3.72 -11.16 0.65
CA ALA C 51 4.38 -11.86 1.74
C ALA C 51 5.33 -12.97 1.29
N GLN C 52 5.15 -13.52 0.08
CA GLN C 52 5.98 -14.66 -0.31
C GLN C 52 6.38 -14.67 -1.78
N THR C 53 5.92 -13.72 -2.59
CA THR C 53 6.22 -13.73 -4.02
C THR C 53 7.45 -12.86 -4.28
N LEU C 54 8.47 -13.46 -4.88
CA LEU C 54 9.68 -12.71 -5.19
C LEU C 54 9.42 -11.76 -6.35
N ALA C 55 9.95 -10.55 -6.23
CA ALA C 55 9.88 -9.60 -7.33
C ALA C 55 10.80 -10.03 -8.47
N ASP C 56 10.58 -9.45 -9.65
CA ASP C 56 11.38 -9.80 -10.82
C ASP C 56 12.85 -9.57 -10.54
N GLY C 57 13.68 -10.56 -10.91
CA GLY C 57 15.11 -10.43 -10.78
C GLY C 57 15.67 -10.71 -9.40
N VAL C 58 14.83 -10.94 -8.40
CA VAL C 58 15.33 -11.22 -7.05
C VAL C 58 15.76 -12.68 -6.98
N PRO C 59 16.98 -12.98 -6.52
CA PRO C 59 17.45 -14.36 -6.52
C PRO C 59 16.72 -15.22 -5.50
N SER C 60 16.71 -16.53 -5.76
CA SER C 60 15.92 -17.46 -4.99
C SER C 60 16.44 -17.68 -3.58
N ARG C 61 17.60 -17.12 -3.22
CA ARG C 61 18.05 -17.27 -1.84
C ARG C 61 17.22 -16.43 -0.87
N PHE C 62 16.40 -15.50 -1.37
CA PHE C 62 15.41 -14.81 -0.55
C PHE C 62 14.14 -15.64 -0.50
N SER C 63 13.54 -15.73 0.68
CA SER C 63 12.22 -16.34 0.78
C SER C 63 11.38 -15.61 1.80
N GLY C 64 10.14 -15.31 1.44
CA GLY C 64 9.19 -14.66 2.33
C GLY C 64 8.16 -15.67 2.78
N SER C 65 7.73 -15.55 4.02
CA SER C 65 6.71 -16.44 4.56
C SER C 65 5.92 -15.69 5.62
N GLY C 66 4.84 -16.31 6.05
CA GLY C 66 4.05 -15.79 7.14
C GLY C 66 2.61 -15.61 6.74
N SER C 67 1.82 -15.18 7.72
CA SER C 67 0.41 -14.92 7.50
C SER C 67 -0.14 -14.21 8.73
N GLY C 68 -1.40 -13.79 8.62
CA GLY C 68 -2.05 -13.08 9.69
C GLY C 68 -1.28 -11.83 10.07
N THR C 69 -0.65 -11.84 11.25
CA THR C 69 0.11 -10.71 11.75
C THR C 69 1.61 -10.95 11.81
N GLN C 70 2.09 -12.12 11.41
CA GLN C 70 3.51 -12.45 11.59
C GLN C 70 4.14 -12.85 10.28
N TYR C 71 5.20 -12.13 9.87
CA TYR C 71 5.85 -12.38 8.60
C TYR C 71 7.36 -12.45 8.78
N SER C 72 8.00 -13.21 7.90
CA SER C 72 9.43 -13.48 7.99
C SER C 72 10.05 -13.38 6.61
N LEU C 73 11.26 -12.83 6.57
CA LEU C 73 12.12 -12.83 5.40
C LEU C 73 13.38 -13.59 5.77
N LYS C 74 13.69 -14.63 5.01
CA LYS C 74 14.87 -15.45 5.23
C LYS C 74 15.83 -15.26 4.06
N ILE C 75 17.08 -14.97 4.37
CA ILE C 75 18.12 -14.83 3.37
C ILE C 75 19.11 -15.96 3.59
N ASN C 76 19.16 -16.88 2.63
CA ASN C 76 20.15 -17.94 2.62
C ASN C 76 21.40 -17.46 1.91
N SER C 77 22.53 -18.04 2.28
CA SER C 77 23.80 -17.85 1.57
C SER C 77 24.04 -16.38 1.25
N LEU C 78 24.13 -15.57 2.31
CA LEU C 78 24.31 -14.13 2.19
C LEU C 78 25.42 -13.77 1.21
N GLN C 79 25.15 -12.80 0.37
CA GLN C 79 26.13 -12.26 -0.56
C GLN C 79 26.47 -10.83 -0.19
N PRO C 80 27.63 -10.32 -0.62
CA PRO C 80 28.03 -8.96 -0.22
C PRO C 80 27.01 -7.90 -0.59
N GLU C 81 26.31 -8.06 -1.70
CA GLU C 81 25.32 -7.08 -2.10
C GLU C 81 24.06 -7.11 -1.24
N ASP C 82 24.00 -7.98 -0.22
CA ASP C 82 22.80 -8.09 0.60
C ASP C 82 22.78 -7.14 1.80
N PHE C 83 23.83 -6.36 2.05
CA PHE C 83 23.77 -5.44 3.18
C PHE C 83 22.74 -4.34 2.91
N GLY C 84 22.40 -3.64 3.97
CA GLY C 84 21.54 -2.49 3.85
C GLY C 84 20.45 -2.57 4.86
N SER C 85 19.44 -1.73 4.69
CA SER C 85 18.29 -1.74 5.56
C SER C 85 17.14 -2.42 4.85
N TYR C 86 16.41 -3.26 5.57
CA TYR C 86 15.24 -3.94 5.03
C TYR C 86 14.02 -3.36 5.69
N TYR C 87 13.00 -3.07 4.89
CA TYR C 87 11.75 -2.51 5.37
C TYR C 87 10.60 -3.38 4.94
N CYS C 88 9.57 -3.46 5.78
CA CYS C 88 8.30 -4.04 5.36
C CYS C 88 7.25 -2.94 5.25
N GLN C 89 6.18 -3.24 4.51
CA GLN C 89 5.11 -2.28 4.29
C GLN C 89 3.82 -3.05 4.03
N HIS C 90 2.70 -2.55 4.53
CA HIS C 90 1.44 -3.26 4.30
C HIS C 90 0.53 -2.47 3.38
N PHE C 91 -0.35 -3.21 2.68
CA PHE C 91 -1.30 -2.63 1.74
C PHE C 91 -2.72 -3.16 1.96
N TRP C 92 -3.08 -3.53 3.19
CA TRP C 92 -4.38 -4.11 3.44
C TRP C 92 -5.40 -3.04 3.82
N SER C 93 -6.38 -2.88 2.96
CA SER C 93 -7.74 -2.35 3.12
C SER C 93 -7.94 -0.86 3.35
N THR C 94 -6.97 -0.18 3.93
N THR C 94 -6.99 -0.16 3.99
CA THR C 94 -7.16 1.25 4.18
CA THR C 94 -7.16 1.27 4.29
C THR C 94 -5.84 1.89 4.60
C THR C 94 -5.81 1.86 4.57
N PRO C 95 -5.50 3.05 4.05
CA PRO C 95 -4.27 3.73 4.43
C PRO C 95 -4.31 4.18 5.87
N PRO C 96 -3.17 4.59 6.46
CA PRO C 96 -1.85 4.73 5.82
C PRO C 96 -1.19 3.38 5.54
N TRP C 97 -0.46 3.30 4.42
CA TRP C 97 0.30 2.10 4.07
C TRP C 97 1.63 2.20 4.82
N THR C 98 1.58 1.88 6.10
CA THR C 98 2.71 2.13 7.00
C THR C 98 3.88 1.18 6.74
N PHE C 99 5.08 1.65 7.09
CA PHE C 99 6.32 0.91 7.01
C PHE C 99 6.73 0.43 8.40
N GLY C 100 7.38 -0.73 8.46
CA GLY C 100 8.11 -1.09 9.66
C GLY C 100 9.30 -0.15 9.85
N GLY C 101 9.88 -0.21 11.04
CA GLY C 101 10.97 0.70 11.38
C GLY C 101 12.31 0.37 10.76
N GLY C 102 12.42 -0.75 10.06
CA GLY C 102 13.65 -1.14 9.37
C GLY C 102 14.53 -2.04 10.21
N THR C 103 15.23 -2.94 9.54
CA THR C 103 16.27 -3.78 10.12
C THR C 103 17.57 -3.51 9.35
N LYS C 104 18.65 -3.22 10.07
CA LYS C 104 19.90 -2.91 9.41
C LYS C 104 20.78 -4.15 9.42
N LEU C 105 21.05 -4.70 8.24
CA LEU C 105 21.89 -5.87 8.06
C LEU C 105 23.28 -5.42 7.62
N GLU C 106 24.29 -5.73 8.44
CA GLU C 106 25.68 -5.40 8.14
C GLU C 106 26.41 -6.70 7.84
N ILE C 107 27.11 -6.76 6.71
CA ILE C 107 27.88 -7.96 6.40
C ILE C 107 29.23 -7.83 7.13
N LYS C 108 29.33 -8.54 8.25
CA LYS C 108 30.43 -8.56 9.21
C LYS C 108 31.80 -8.18 8.67
#